data_6ATH
#
_entry.id   6ATH
#
_cell.length_a   74.191
_cell.length_b   77.645
_cell.length_c   137.511
_cell.angle_alpha   90.00
_cell.angle_beta   90.00
_cell.angle_gamma   90.00
#
_symmetry.space_group_name_H-M   'P 21 21 21'
#
loop_
_entity.id
_entity.type
_entity.pdbx_description
1 polymer 'Cyclin-dependent kinase 2'
2 polymer Cyclin-A2
3 polymer 'Cyclin-dependent kinase inhibitor 1B'
4 non-polymer 'SULFATE ION'
5 water water
#
loop_
_entity_poly.entity_id
_entity_poly.type
_entity_poly.pdbx_seq_one_letter_code
_entity_poly.pdbx_strand_id
1 'polypeptide(L)'
;GSMENFQKVEKIGEGTYGVVYKARNKLTGEVVALKKIRLDTETEGVPSTAIREISLLKELNHPNIVKLLDVIHTENKLYL
VFEFLHQDLKKFMDASALTGIPLPLIKSYLFQLLQGLAFCHSHRVLHRDLKPQNLLINTEGAIKLADFGLARAFGVPVRT
Y(TPO)HEVVTLWYRAPEILLGCKYYSTAVDIWSLGCIFAEMVTRRALFPGDSEIDQLFRIFRTLGTPDEVVWPGVTSMP
DYKPSFPKWARQDFSKVVPPLDEDGRSLLSQMLHYDPNKRISAKAALAHPFFQDVTKPVPHLRL
;
A
2 'polypeptide(L)'
;GSMNEVPDYHEDIHTYLREMEVKCKPKVGYMKKQPDITNSMRAILVDWLVEVGEEYKLQNETLHLAVNYIDRFLSSMSVL
RGKLQLVGTAAMLLASKFEEIYPPEVAEFVYITDDTYTKKQVLRMEHLVLKVLTFDLAAPTVNQFLTQYFLHQQPANCKV
ESLAMFLGELSLIDADPYLKYLPSVIAGAAFHLALYTVTGQSWPESLIRKTGYTLESLKPCLMDLHQTYLKAPQHAQQSI
REKYKNSKYHGVSLLNPPETLNL
;
B
3 'polypeptide(L)' GSHMEHPKPSACRNLFGPVDHEELTRDLEKHCRDMEEASQRKWNFDFQNHKPLEGKYEWQEVEKGSLP C
#
# COMPACT_ATOMS: atom_id res chain seq x y z
N VAL A 19 -21.08 -5.73 8.60
CA VAL A 19 -21.21 -6.74 9.64
C VAL A 19 -22.64 -7.29 9.68
N VAL A 20 -22.78 -8.59 9.46
CA VAL A 20 -24.09 -9.21 9.37
C VAL A 20 -24.25 -10.41 10.29
N TYR A 21 -23.15 -10.81 10.93
CA TYR A 21 -23.17 -11.95 11.86
C TYR A 21 -22.06 -11.81 12.90
N LYS A 22 -22.36 -12.21 14.13
CA LYS A 22 -21.31 -12.34 15.15
C LYS A 22 -21.45 -13.67 15.88
N ALA A 23 -20.38 -14.10 16.53
CA ALA A 23 -20.40 -15.41 17.18
C ALA A 23 -19.34 -15.55 18.28
N ARG A 24 -19.77 -16.10 19.42
CA ARG A 24 -18.85 -16.42 20.51
C ARG A 24 -18.41 -17.88 20.44
N ASN A 25 -17.13 -18.12 20.65
CA ASN A 25 -16.58 -19.47 20.69
C ASN A 25 -16.75 -20.08 22.08
N LYS A 26 -17.34 -21.28 22.14
CA LYS A 26 -17.63 -21.92 23.41
C LYS A 26 -16.37 -22.31 24.20
N LEU A 27 -15.41 -22.91 23.50
CA LEU A 27 -14.18 -23.40 24.11
C LEU A 27 -13.27 -22.28 24.63
N THR A 28 -13.30 -21.13 23.95
CA THR A 28 -12.40 -20.02 24.32
C THR A 28 -13.13 -18.83 24.93
N GLY A 29 -14.31 -18.53 24.42
CA GLY A 29 -15.05 -17.36 24.88
C GLY A 29 -14.75 -16.15 24.01
N GLU A 30 -13.91 -16.37 22.99
CA GLU A 30 -13.55 -15.29 22.06
C GLU A 30 -14.68 -15.06 21.05
N VAL A 31 -14.90 -13.79 20.72
CA VAL A 31 -16.02 -13.42 19.86
C VAL A 31 -15.54 -12.89 18.52
N VAL A 32 -16.22 -13.29 17.44
CA VAL A 32 -15.84 -12.87 16.09
C VAL A 32 -16.99 -12.20 15.38
N ALA A 33 -16.67 -11.47 14.31
CA ALA A 33 -17.67 -10.79 13.50
C ALA A 33 -17.51 -11.18 12.04
N LEU A 34 -18.62 -11.38 11.35
CA LEU A 34 -18.58 -11.77 9.95
C LEU A 34 -19.01 -10.64 9.03
N LYS A 35 -18.12 -10.27 8.10
CA LYS A 35 -18.41 -9.22 7.13
C LYS A 35 -18.53 -9.84 5.75
N LYS A 36 -19.43 -9.29 4.93
CA LYS A 36 -19.71 -9.84 3.61
C LYS A 36 -19.51 -8.80 2.52
N ILE A 37 -18.98 -9.22 1.38
CA ILE A 37 -18.87 -8.36 0.21
C ILE A 37 -19.43 -9.07 -1.02
N ARG A 38 -20.46 -8.49 -1.63
CA ARG A 38 -21.02 -9.03 -2.86
C ARG A 38 -20.12 -8.66 -4.03
N LEU A 39 -20.00 -9.56 -4.99
CA LEU A 39 -19.12 -9.34 -6.14
C LEU A 39 -19.91 -9.03 -7.40
N GLU A 44 -16.76 -5.24 -12.22
CA GLU A 44 -15.31 -5.01 -12.31
C GLU A 44 -14.52 -6.00 -11.46
N GLY A 45 -15.20 -7.03 -10.96
CA GLY A 45 -14.56 -8.03 -10.13
C GLY A 45 -14.39 -7.57 -8.69
N VAL A 46 -13.35 -8.05 -8.03
CA VAL A 46 -13.09 -7.64 -6.65
C VAL A 46 -12.74 -6.16 -6.56
N PRO A 47 -13.48 -5.41 -5.75
CA PRO A 47 -13.26 -3.98 -5.57
C PRO A 47 -11.84 -3.68 -5.12
N SER A 48 -11.25 -2.61 -5.66
CA SER A 48 -9.89 -2.23 -5.29
C SER A 48 -9.78 -1.92 -3.80
N THR A 49 -10.85 -1.39 -3.22
CA THR A 49 -10.86 -1.15 -1.79
C THR A 49 -10.75 -2.44 -0.99
N ALA A 50 -11.38 -3.51 -1.47
CA ALA A 50 -11.30 -4.81 -0.82
C ALA A 50 -9.91 -5.42 -1.03
N ILE A 51 -9.38 -5.28 -2.25
CA ILE A 51 -8.03 -5.72 -2.57
C ILE A 51 -7.02 -5.14 -1.59
N ARG A 52 -7.05 -3.82 -1.44
CA ARG A 52 -6.13 -3.15 -0.52
C ARG A 52 -6.41 -3.48 0.95
N GLU A 53 -7.67 -3.40 1.37
CA GLU A 53 -8.02 -3.67 2.78
C GLU A 53 -7.51 -5.03 3.22
N ILE A 54 -7.78 -6.07 2.42
CA ILE A 54 -7.43 -7.42 2.80
C ILE A 54 -5.91 -7.64 2.76
N SER A 55 -5.29 -7.27 1.63
CA SER A 55 -3.86 -7.51 1.48
C SER A 55 -3.04 -6.75 2.53
N LEU A 56 -3.49 -5.54 2.90
CA LEU A 56 -2.78 -4.77 3.92
C LEU A 56 -3.05 -5.28 5.34
N LEU A 57 -4.30 -5.59 5.65
CA LEU A 57 -4.64 -6.10 6.97
C LEU A 57 -3.93 -7.40 7.34
N LYS A 58 -3.70 -8.25 6.34
CA LYS A 58 -2.97 -9.50 6.58
C LYS A 58 -1.57 -9.26 7.13
N GLU A 59 -0.99 -8.11 6.78
CA GLU A 59 0.34 -7.74 7.25
C GLU A 59 0.34 -6.89 8.51
N LEU A 60 -0.84 -6.51 9.01
CA LEU A 60 -0.92 -5.57 10.12
C LEU A 60 -1.43 -6.20 11.41
N ASN A 61 -0.71 -7.18 11.92
CA ASN A 61 -1.06 -7.77 13.21
C ASN A 61 -0.49 -6.96 14.38
N HIS A 62 -1.37 -6.29 15.11
CA HIS A 62 -0.98 -5.44 16.23
C HIS A 62 -2.17 -5.36 17.18
N PRO A 63 -1.92 -5.27 18.51
CA PRO A 63 -3.02 -5.25 19.47
C PRO A 63 -3.96 -4.05 19.31
N ASN A 64 -3.50 -3.01 18.62
CA ASN A 64 -4.33 -1.82 18.42
C ASN A 64 -4.78 -1.65 16.97
N ILE A 65 -4.79 -2.76 16.23
CA ILE A 65 -5.33 -2.80 14.88
C ILE A 65 -6.29 -3.98 14.84
N VAL A 66 -7.52 -3.75 14.37
CA VAL A 66 -8.52 -4.82 14.32
C VAL A 66 -7.98 -6.01 13.54
N LYS A 67 -8.10 -7.20 14.11
CA LYS A 67 -7.47 -8.37 13.51
C LYS A 67 -8.36 -9.05 12.48
N LEU A 68 -7.83 -9.23 11.26
CA LEU A 68 -8.48 -10.02 10.23
C LEU A 68 -8.13 -11.48 10.48
N LEU A 69 -9.15 -12.30 10.77
CA LEU A 69 -8.93 -13.67 11.17
C LEU A 69 -8.91 -14.65 10.00
N ASP A 70 -9.74 -14.38 8.99
CA ASP A 70 -9.85 -15.27 7.85
C ASP A 70 -10.54 -14.59 6.68
N VAL A 71 -10.31 -15.11 5.47
CA VAL A 71 -10.98 -14.63 4.27
C VAL A 71 -11.56 -15.82 3.51
N ILE A 72 -12.83 -15.72 3.14
CA ILE A 72 -13.49 -16.80 2.41
C ILE A 72 -14.08 -16.32 1.10
N HIS A 73 -13.57 -16.85 -0.01
CA HIS A 73 -14.07 -16.48 -1.34
CA HIS A 73 -14.06 -16.48 -1.33
C HIS A 73 -15.10 -17.47 -1.83
N THR A 74 -16.21 -16.96 -2.34
CA THR A 74 -17.18 -17.78 -3.04
C THR A 74 -17.40 -17.10 -4.37
N GLU A 75 -18.14 -17.75 -5.27
CA GLU A 75 -18.29 -17.27 -6.64
C GLU A 75 -18.74 -15.80 -6.77
N ASN A 76 -19.65 -15.38 -5.90
CA ASN A 76 -20.14 -14.00 -5.95
C ASN A 76 -20.13 -13.29 -4.60
N LYS A 77 -19.48 -13.89 -3.61
CA LYS A 77 -19.37 -13.29 -2.29
C LYS A 77 -17.99 -13.46 -1.67
N LEU A 78 -17.55 -12.44 -0.94
CA LEU A 78 -16.28 -12.48 -0.23
C LEU A 78 -16.54 -12.27 1.27
N TYR A 79 -16.15 -13.25 2.08
CA TYR A 79 -16.37 -13.18 3.52
C TYR A 79 -15.10 -12.83 4.28
N LEU A 80 -15.20 -11.86 5.19
CA LEU A 80 -14.11 -11.52 6.08
C LEU A 80 -14.51 -11.78 7.53
N VAL A 81 -13.70 -12.57 8.23
CA VAL A 81 -13.92 -12.78 9.67
C VAL A 81 -12.95 -11.92 10.47
N PHE A 82 -13.49 -11.05 11.32
CA PHE A 82 -12.70 -10.17 12.16
C PHE A 82 -12.85 -10.51 13.64
N GLU A 83 -11.91 -10.05 14.45
CA GLU A 83 -12.15 -10.06 15.89
C GLU A 83 -13.30 -9.09 16.14
N PHE A 84 -14.09 -9.37 17.16
CA PHE A 84 -15.27 -8.55 17.46
C PHE A 84 -14.92 -7.49 18.50
N LEU A 85 -15.29 -6.24 18.20
CA LEU A 85 -15.20 -5.16 19.20
C LEU A 85 -16.59 -4.52 19.38
N HIS A 86 -16.87 -4.07 20.59
CA HIS A 86 -18.21 -3.71 21.02
C HIS A 86 -18.85 -2.55 20.25
N GLN A 87 -18.10 -1.46 20.09
CA GLN A 87 -18.62 -0.31 19.36
C GLN A 87 -17.51 0.65 18.97
N ASP A 88 -17.90 1.78 18.36
CA ASP A 88 -16.89 2.73 17.87
C ASP A 88 -16.84 3.98 18.73
N LEU A 89 -15.77 4.76 18.54
CA LEU A 89 -15.51 5.93 19.37
C LEU A 89 -16.53 7.04 19.17
N LYS A 90 -17.09 7.15 17.97
CA LYS A 90 -18.10 8.17 17.69
CA LYS A 90 -18.09 8.18 17.71
C LYS A 90 -19.33 7.93 18.57
N LYS A 91 -19.82 6.70 18.59
CA LYS A 91 -20.99 6.37 19.38
C LYS A 91 -20.70 6.55 20.87
N PHE A 92 -19.48 6.22 21.27
CA PHE A 92 -19.06 6.36 22.66
C PHE A 92 -19.06 7.83 23.07
N MET A 93 -18.50 8.69 22.24
CA MET A 93 -18.50 10.11 22.54
C MET A 93 -19.91 10.71 22.54
N ASP A 94 -20.75 10.27 21.62
CA ASP A 94 -22.15 10.70 21.59
C ASP A 94 -22.88 10.26 22.85
N ALA A 95 -22.58 9.05 23.31
CA ALA A 95 -23.16 8.54 24.55
C ALA A 95 -22.63 9.33 25.73
N SER A 96 -21.44 9.88 25.59
CA SER A 96 -20.83 10.68 26.65
C SER A 96 -20.90 12.16 26.30
N ALA A 97 -21.88 12.54 25.48
CA ALA A 97 -21.97 13.92 24.99
C ALA A 97 -22.04 14.97 26.11
N LEU A 98 -22.68 14.62 27.21
CA LEU A 98 -22.87 15.56 28.31
C LEU A 98 -22.06 15.17 29.54
N THR A 99 -21.24 14.13 29.40
CA THR A 99 -20.39 13.66 30.49
C THR A 99 -18.95 13.70 30.04
N GLY A 100 -18.05 14.24 30.85
CA GLY A 100 -16.65 14.29 30.45
C GLY A 100 -16.06 12.89 30.34
N ILE A 101 -15.31 12.63 29.26
CA ILE A 101 -14.51 11.42 29.19
C ILE A 101 -13.30 11.65 30.09
N PRO A 102 -13.11 10.81 31.10
CA PRO A 102 -12.03 11.04 32.07
C PRO A 102 -10.69 11.15 31.36
N LEU A 103 -9.86 12.09 31.79
CA LEU A 103 -8.52 12.27 31.21
C LEU A 103 -7.68 10.98 31.12
N PRO A 104 -7.68 10.13 32.17
CA PRO A 104 -6.90 8.90 32.01
C PRO A 104 -7.35 8.04 30.83
N LEU A 105 -8.63 8.06 30.51
CA LEU A 105 -9.13 7.26 29.39
C LEU A 105 -8.77 7.91 28.06
N ILE A 106 -8.90 9.23 27.99
CA ILE A 106 -8.48 9.97 26.80
C ILE A 106 -7.00 9.71 26.53
N LYS A 107 -6.20 9.80 27.58
CA LYS A 107 -4.77 9.58 27.48
C LYS A 107 -4.43 8.16 27.05
N SER A 108 -5.14 7.19 27.63
CA SER A 108 -4.95 5.79 27.25
C SER A 108 -5.32 5.55 25.80
N TYR A 109 -6.48 6.05 25.39
CA TYR A 109 -6.90 5.86 24.00
C TYR A 109 -5.92 6.48 23.02
N LEU A 110 -5.44 7.69 23.31
CA LEU A 110 -4.52 8.35 22.38
C LEU A 110 -3.21 7.58 22.28
N PHE A 111 -2.73 7.11 23.42
CA PHE A 111 -1.48 6.34 23.49
C PHE A 111 -1.60 5.08 22.63
N GLN A 112 -2.72 4.38 22.76
CA GLN A 112 -2.97 3.17 22.01
C GLN A 112 -3.12 3.46 20.51
N LEU A 113 -3.82 4.54 20.18
CA LEU A 113 -3.98 4.90 18.77
C LEU A 113 -2.64 5.22 18.12
N LEU A 114 -1.77 5.89 18.88
CA LEU A 114 -0.43 6.20 18.38
C LEU A 114 0.38 4.93 18.14
N GLN A 115 0.22 3.95 19.03
CA GLN A 115 0.91 2.66 18.84
C GLN A 115 0.44 1.96 17.56
N GLY A 116 -0.87 1.92 17.36
CA GLY A 116 -1.42 1.30 16.16
C GLY A 116 -0.96 2.03 14.90
N LEU A 117 -0.95 3.36 14.97
CA LEU A 117 -0.60 4.15 13.78
C LEU A 117 0.89 4.04 13.50
N ALA A 118 1.71 4.03 14.54
CA ALA A 118 3.16 3.92 14.33
C ALA A 118 3.48 2.60 13.65
N PHE A 119 2.74 1.56 14.04
CA PHE A 119 2.92 0.24 13.43
C PHE A 119 2.56 0.30 11.95
N CYS A 120 1.45 0.95 11.63
CA CYS A 120 1.06 1.11 10.23
C CYS A 120 2.16 1.80 9.44
N HIS A 121 2.61 2.94 9.95
CA HIS A 121 3.59 3.74 9.21
C HIS A 121 4.93 3.01 9.07
N SER A 122 5.31 2.28 10.11
CA SER A 122 6.53 1.50 10.05
C SER A 122 6.44 0.32 9.08
N HIS A 123 5.21 -0.03 8.72
CA HIS A 123 4.98 -1.07 7.71
C HIS A 123 4.44 -0.50 6.40
N ARG A 124 4.82 0.75 6.11
CA ARG A 124 4.51 1.43 4.85
C ARG A 124 3.04 1.46 4.44
N VAL A 125 2.16 1.61 5.44
CA VAL A 125 0.74 1.76 5.20
C VAL A 125 0.23 3.11 5.71
N LEU A 126 -0.46 3.84 4.84
CA LEU A 126 -1.22 5.04 5.24
C LEU A 126 -2.67 4.62 5.43
N HIS A 127 -3.30 5.03 6.52
CA HIS A 127 -4.68 4.65 6.76
C HIS A 127 -5.64 5.54 5.94
N ARG A 128 -5.44 6.85 6.06
CA ARG A 128 -6.16 7.85 5.25
C ARG A 128 -7.65 7.97 5.52
N ASP A 129 -8.16 7.38 6.60
CA ASP A 129 -9.52 7.67 7.01
C ASP A 129 -9.71 7.52 8.53
N LEU A 130 -8.81 8.11 9.29
CA LEU A 130 -8.91 8.09 10.73
C LEU A 130 -9.98 9.09 11.16
N LYS A 131 -11.04 8.55 11.75
CA LYS A 131 -12.15 9.34 12.28
C LYS A 131 -12.78 8.45 13.34
N PRO A 132 -13.50 9.03 14.30
CA PRO A 132 -14.03 8.26 15.44
C PRO A 132 -14.85 7.05 15.04
N GLN A 133 -15.59 7.13 13.93
CA GLN A 133 -16.37 6.00 13.46
C GLN A 133 -15.52 4.80 13.10
N ASN A 134 -14.25 5.03 12.80
CA ASN A 134 -13.34 3.96 12.38
C ASN A 134 -12.39 3.47 13.48
N LEU A 135 -12.67 3.87 14.71
CA LEU A 135 -11.88 3.46 15.86
C LEU A 135 -12.78 2.67 16.80
N LEU A 136 -12.45 1.40 17.03
CA LEU A 136 -13.32 0.51 17.77
C LEU A 136 -12.81 0.29 19.19
N ILE A 137 -13.72 0.23 20.15
CA ILE A 137 -13.35 0.06 21.55
C ILE A 137 -14.01 -1.17 22.16
N ASN A 138 -13.41 -1.71 23.22
CA ASN A 138 -14.03 -2.79 23.97
C ASN A 138 -14.20 -2.46 25.46
N THR A 139 -14.76 -3.40 26.21
CA THR A 139 -15.05 -3.17 27.62
C THR A 139 -13.79 -3.21 28.49
N GLU A 140 -12.70 -3.70 27.93
CA GLU A 140 -11.45 -3.81 28.68
C GLU A 140 -10.57 -2.56 28.62
N GLY A 141 -10.96 -1.59 27.79
CA GLY A 141 -10.21 -0.35 27.68
C GLY A 141 -9.33 -0.26 26.45
N ALA A 142 -9.44 -1.24 25.57
CA ALA A 142 -8.67 -1.23 24.33
C ALA A 142 -9.37 -0.35 23.29
N ILE A 143 -8.56 0.24 22.43
CA ILE A 143 -9.06 0.92 21.24
C ILE A 143 -8.22 0.48 20.04
N LYS A 144 -8.87 0.29 18.89
CA LYS A 144 -8.17 -0.29 17.73
C LYS A 144 -8.55 0.39 16.42
N LEU A 145 -7.57 0.55 15.54
CA LEU A 145 -7.82 1.09 14.20
C LEU A 145 -8.60 0.08 13.38
N ALA A 146 -9.61 0.57 12.67
CA ALA A 146 -10.42 -0.30 11.82
C ALA A 146 -10.66 0.36 10.47
N ASP A 147 -11.29 -0.40 9.56
CA ASP A 147 -11.71 0.11 8.25
C ASP A 147 -10.54 0.61 7.42
N PHE A 148 -9.80 -0.33 6.85
CA PHE A 148 -8.65 -0.02 6.02
C PHE A 148 -9.00 0.03 4.54
N GLY A 149 -10.28 0.16 4.23
CA GLY A 149 -10.71 0.20 2.84
C GLY A 149 -10.12 1.35 2.05
N LEU A 150 -9.75 2.43 2.73
CA LEU A 150 -9.19 3.60 2.07
C LEU A 150 -7.68 3.72 2.25
N ALA A 151 -7.08 2.68 2.82
CA ALA A 151 -5.64 2.67 3.06
C ALA A 151 -4.85 2.45 1.77
N ARG A 152 -3.55 2.71 1.83
CA ARG A 152 -2.69 2.37 0.70
C ARG A 152 -1.26 2.10 1.16
N ALA A 153 -0.59 1.19 0.47
CA ALA A 153 0.81 0.94 0.75
C ALA A 153 1.62 2.03 0.06
N PHE A 154 2.47 2.73 0.81
CA PHE A 154 3.26 3.80 0.20
C PHE A 154 4.71 3.40 -0.06
N GLY A 155 5.43 4.25 -0.79
CA GLY A 155 6.81 3.98 -1.11
C GLY A 155 7.68 5.07 -0.55
N VAL A 156 8.99 4.83 -0.56
CA VAL A 156 9.96 5.79 -0.07
C VAL A 156 10.94 6.18 -1.17
N PRO A 157 10.94 7.45 -1.59
CA PRO A 157 10.00 8.51 -1.19
C PRO A 157 8.64 8.30 -1.84
N VAL A 158 7.63 9.04 -1.39
CA VAL A 158 6.27 8.82 -1.91
C VAL A 158 6.11 9.36 -3.33
N ARG A 159 5.10 8.83 -4.01
CA ARG A 159 4.67 9.25 -5.33
C ARG A 159 3.40 10.06 -5.10
N THR A 160 2.87 10.71 -6.14
CA THR A 160 1.54 11.31 -5.98
C THR A 160 0.49 10.20 -5.88
N TYR A 161 -0.38 10.30 -4.86
CA TYR A 161 -1.44 9.33 -4.65
C TYR A 161 -2.79 10.00 -4.85
N HIS A 163 -5.99 12.07 -4.64
CA HIS A 163 -6.23 13.36 -4.01
C HIS A 163 -7.56 13.41 -3.24
N GLU A 164 -7.73 14.44 -2.41
CA GLU A 164 -8.98 14.69 -1.67
C GLU A 164 -9.38 13.52 -0.76
N VAL A 165 -8.38 12.79 -0.28
CA VAL A 165 -8.62 11.67 0.61
C VAL A 165 -8.89 12.20 2.02
N VAL A 166 -9.34 11.31 2.91
CA VAL A 166 -9.66 11.59 4.32
C VAL A 166 -10.99 12.32 4.45
N THR A 167 -11.83 11.84 5.36
CA THR A 167 -13.12 12.48 5.64
C THR A 167 -12.88 13.95 5.98
N LEU A 168 -13.69 14.84 5.40
CA LEU A 168 -13.40 16.27 5.39
C LEU A 168 -12.95 16.87 6.73
N TRP A 169 -13.71 16.61 7.80
CA TRP A 169 -13.40 17.22 9.10
C TRP A 169 -12.02 16.84 9.62
N TYR A 170 -11.47 15.72 9.12
CA TYR A 170 -10.22 15.19 9.65
C TYR A 170 -9.09 15.32 8.62
N ARG A 171 -9.36 16.08 7.56
CA ARG A 171 -8.45 16.18 6.42
C ARG A 171 -7.36 17.23 6.62
N ALA A 172 -6.11 16.84 6.39
CA ALA A 172 -4.97 17.72 6.65
C ALA A 172 -4.89 18.85 5.63
N PRO A 173 -4.31 19.99 6.04
CA PRO A 173 -4.26 21.16 5.15
C PRO A 173 -3.46 20.91 3.88
N GLU A 174 -2.44 20.06 3.91
CA GLU A 174 -1.70 19.76 2.68
C GLU A 174 -2.58 19.08 1.63
N ILE A 175 -3.56 18.31 2.07
CA ILE A 175 -4.47 17.67 1.13
C ILE A 175 -5.44 18.73 0.59
N LEU A 176 -5.97 19.55 1.49
CA LEU A 176 -6.86 20.63 1.10
C LEU A 176 -6.22 21.61 0.11
N LEU A 177 -4.92 21.84 0.26
CA LEU A 177 -4.20 22.77 -0.62
C LEU A 177 -3.64 22.11 -1.88
N GLY A 178 -3.96 20.83 -2.06
CA GLY A 178 -3.66 20.14 -3.31
C GLY A 178 -2.19 19.77 -3.48
N CYS A 179 -1.50 19.52 -2.36
CA CYS A 179 -0.09 19.10 -2.39
C CYS A 179 0.15 17.98 -3.39
N LYS A 180 1.24 18.07 -4.14
CA LYS A 180 1.63 16.99 -5.04
C LYS A 180 1.93 15.73 -4.22
N TYR A 181 2.52 15.91 -3.05
CA TYR A 181 2.90 14.78 -2.21
C TYR A 181 2.35 14.89 -0.80
N TYR A 182 1.89 13.77 -0.27
CA TYR A 182 1.54 13.67 1.15
C TYR A 182 1.96 12.28 1.65
N SER A 183 2.12 12.14 2.95
CA SER A 183 2.46 10.84 3.52
C SER A 183 1.95 10.70 4.94
N THR A 184 2.78 10.14 5.82
CA THR A 184 2.32 9.73 7.14
C THR A 184 1.72 10.87 7.97
N ALA A 185 2.20 12.09 7.75
CA ALA A 185 1.68 13.24 8.50
C ALA A 185 0.18 13.44 8.37
N VAL A 186 -0.42 12.98 7.26
CA VAL A 186 -1.87 13.16 7.11
C VAL A 186 -2.65 12.38 8.17
N ASP A 187 -2.13 11.22 8.57
CA ASP A 187 -2.80 10.43 9.61
C ASP A 187 -2.64 11.05 11.01
N ILE A 188 -1.47 11.66 11.25
CA ILE A 188 -1.20 12.33 12.53
C ILE A 188 -2.13 13.53 12.67
N TRP A 189 -2.34 14.26 11.57
CA TRP A 189 -3.30 15.37 11.60
C TRP A 189 -4.68 14.89 12.06
N SER A 190 -5.18 13.82 11.44
CA SER A 190 -6.47 13.26 11.81
C SER A 190 -6.49 12.87 13.28
N LEU A 191 -5.40 12.27 13.75
CA LEU A 191 -5.35 11.86 15.14
C LEU A 191 -5.35 13.05 16.08
N GLY A 192 -4.74 14.16 15.66
CA GLY A 192 -4.76 15.39 16.44
C GLY A 192 -6.19 15.91 16.56
N CYS A 193 -6.92 15.88 15.46
CA CYS A 193 -8.34 16.26 15.46
C CYS A 193 -9.16 15.37 16.40
N ILE A 194 -8.84 14.09 16.45
CA ILE A 194 -9.58 13.13 17.28
C ILE A 194 -9.25 13.33 18.77
N PHE A 195 -8.00 13.62 19.06
CA PHE A 195 -7.54 14.00 20.40
C PHE A 195 -8.39 15.17 20.90
N ALA A 196 -8.42 16.25 20.15
CA ALA A 196 -9.20 17.42 20.54
C ALA A 196 -10.67 17.06 20.75
N GLU A 197 -11.18 16.22 19.86
CA GLU A 197 -12.59 15.85 19.91
C GLU A 197 -12.92 15.02 21.14
N MET A 198 -11.98 14.20 21.61
CA MET A 198 -12.24 13.42 22.82
C MET A 198 -12.38 14.34 24.03
N VAL A 199 -11.62 15.44 24.02
CA VAL A 199 -11.63 16.34 25.17
C VAL A 199 -12.92 17.16 25.24
N THR A 200 -13.52 17.44 24.07
CA THR A 200 -14.72 18.26 24.01
C THR A 200 -16.00 17.54 23.58
N ARG A 201 -15.83 16.36 22.98
CA ARG A 201 -16.90 15.61 22.30
C ARG A 201 -17.50 16.36 21.11
N ARG A 202 -16.81 17.40 20.66
CA ARG A 202 -17.21 18.17 19.47
C ARG A 202 -16.05 18.23 18.47
N ALA A 203 -16.36 18.07 17.18
CA ALA A 203 -15.32 18.10 16.15
C ALA A 203 -14.56 19.43 16.18
N LEU A 204 -13.24 19.34 16.07
CA LEU A 204 -12.37 20.52 16.12
C LEU A 204 -12.59 21.47 14.93
N PHE A 205 -12.70 20.90 13.72
CA PHE A 205 -12.81 21.68 12.49
C PHE A 205 -13.99 21.18 11.67
N PRO A 206 -15.21 21.57 12.03
CA PRO A 206 -16.38 20.99 11.37
C PRO A 206 -16.79 21.75 10.10
N GLY A 207 -15.98 21.64 9.05
CA GLY A 207 -16.25 22.36 7.82
C GLY A 207 -17.42 21.84 7.01
N ASP A 208 -18.00 22.72 6.19
CA ASP A 208 -19.15 22.37 5.36
C ASP A 208 -18.76 22.13 3.90
N SER A 209 -17.51 22.45 3.57
CA SER A 209 -16.98 22.32 2.22
C SER A 209 -15.47 22.39 2.33
N GLU A 210 -14.76 22.13 1.24
CA GLU A 210 -13.30 22.19 1.29
C GLU A 210 -12.80 23.57 1.70
N ILE A 211 -13.36 24.63 1.14
CA ILE A 211 -12.88 25.97 1.48
C ILE A 211 -13.29 26.35 2.91
N ASP A 212 -14.49 25.93 3.33
CA ASP A 212 -14.92 26.23 4.69
C ASP A 212 -14.05 25.45 5.68
N GLN A 213 -13.67 24.23 5.31
CA GLN A 213 -12.79 23.42 6.14
C GLN A 213 -11.46 24.13 6.34
N LEU A 214 -10.89 24.60 5.23
CA LEU A 214 -9.63 25.33 5.25
C LEU A 214 -9.74 26.58 6.14
N PHE A 215 -10.83 27.33 6.00
CA PHE A 215 -11.01 28.56 6.78
C PHE A 215 -11.23 28.29 8.28
N ARG A 216 -11.91 27.20 8.62
CA ARG A 216 -12.01 26.83 10.03
C ARG A 216 -10.63 26.53 10.62
N ILE A 217 -9.79 25.85 9.85
CA ILE A 217 -8.44 25.57 10.32
C ILE A 217 -7.66 26.87 10.49
N PHE A 218 -7.73 27.73 9.47
CA PHE A 218 -7.04 29.03 9.52
C PHE A 218 -7.49 29.90 10.70
N ARG A 219 -8.79 29.91 10.99
CA ARG A 219 -9.29 30.75 12.08
C ARG A 219 -8.82 30.26 13.43
N THR A 220 -8.46 28.99 13.49
CA THR A 220 -8.00 28.39 14.74
C THR A 220 -6.47 28.46 14.87
N LEU A 221 -5.77 28.06 13.82
CA LEU A 221 -4.32 27.94 13.87
C LEU A 221 -3.61 29.12 13.22
N GLY A 222 -4.37 30.06 12.68
CA GLY A 222 -3.82 31.19 11.97
C GLY A 222 -3.64 30.84 10.51
N THR A 223 -3.77 31.82 9.63
CA THR A 223 -3.49 31.59 8.22
C THR A 223 -1.98 31.40 8.07
N PRO A 224 -1.57 30.27 7.50
CA PRO A 224 -0.13 29.96 7.39
C PRO A 224 0.56 30.84 6.36
N ASP A 225 1.82 31.20 6.64
CA ASP A 225 2.64 31.94 5.70
C ASP A 225 3.95 31.19 5.43
N GLU A 226 4.82 31.79 4.63
CA GLU A 226 6.09 31.15 4.26
C GLU A 226 7.00 30.89 5.46
N VAL A 227 6.86 31.72 6.49
CA VAL A 227 7.65 31.53 7.71
C VAL A 227 7.21 30.27 8.44
N VAL A 228 5.91 30.16 8.69
CA VAL A 228 5.34 29.02 9.40
C VAL A 228 5.43 27.73 8.58
N TRP A 229 5.24 27.84 7.28
CA TRP A 229 5.17 26.67 6.40
C TRP A 229 5.81 27.00 5.07
N PRO A 230 7.12 26.82 4.96
CA PRO A 230 7.85 27.14 3.73
C PRO A 230 7.22 26.42 2.53
N GLY A 231 6.96 27.16 1.46
CA GLY A 231 6.38 26.58 0.27
C GLY A 231 4.87 26.70 0.18
N VAL A 232 4.22 27.07 1.27
CA VAL A 232 2.76 27.04 1.31
C VAL A 232 2.13 27.92 0.24
N THR A 233 2.74 29.08 -0.02
CA THR A 233 2.17 30.03 -0.99
C THR A 233 2.37 29.57 -2.43
N SER A 234 3.10 28.48 -2.62
CA SER A 234 3.33 27.91 -3.95
C SER A 234 2.49 26.66 -4.19
N MET A 235 1.67 26.29 -3.21
CA MET A 235 0.87 25.08 -3.34
C MET A 235 -0.27 25.28 -4.35
N PRO A 236 -0.64 24.22 -5.07
CA PRO A 236 -1.55 24.31 -6.22
C PRO A 236 -2.86 25.02 -5.91
N ASP A 237 -3.42 24.77 -4.73
CA ASP A 237 -4.71 25.36 -4.38
C ASP A 237 -4.62 26.47 -3.33
N TYR A 238 -3.41 26.97 -3.08
CA TYR A 238 -3.25 28.18 -2.29
C TYR A 238 -3.74 29.37 -3.10
N LYS A 239 -4.43 30.30 -2.45
CA LYS A 239 -4.86 31.54 -3.10
C LYS A 239 -4.41 32.75 -2.28
N PRO A 240 -3.78 33.73 -2.93
CA PRO A 240 -3.34 34.92 -2.21
C PRO A 240 -4.50 35.71 -1.59
N SER A 241 -5.72 35.43 -2.05
CA SER A 241 -6.91 36.06 -1.49
C SER A 241 -7.37 35.52 -0.13
N PHE A 242 -6.75 34.42 0.33
CA PHE A 242 -7.08 33.85 1.64
C PHE A 242 -7.07 34.95 2.70
N PRO A 243 -8.14 35.04 3.51
CA PRO A 243 -8.08 35.99 4.63
C PRO A 243 -6.96 35.63 5.58
N LYS A 244 -6.38 36.63 6.24
CA LYS A 244 -5.22 36.39 7.10
C LYS A 244 -5.61 36.48 8.56
N TRP A 245 -5.94 35.33 9.15
CA TRP A 245 -6.36 35.26 10.53
C TRP A 245 -5.16 35.04 11.44
N ALA A 246 -5.22 35.64 12.63
CA ALA A 246 -4.14 35.48 13.62
C ALA A 246 -4.23 34.12 14.30
N ARG A 247 -3.08 33.64 14.74
CA ARG A 247 -3.02 32.37 15.46
C ARG A 247 -3.47 32.60 16.90
N GLN A 248 -4.31 31.71 17.42
CA GLN A 248 -4.72 31.84 18.80
C GLN A 248 -4.03 30.78 19.67
N ASP A 249 -3.97 31.05 20.97
CA ASP A 249 -3.32 30.14 21.90
C ASP A 249 -4.09 28.83 21.96
N PHE A 250 -3.37 27.73 22.12
CA PHE A 250 -4.00 26.41 22.25
C PHE A 250 -4.79 26.28 23.52
N SER A 251 -4.51 27.17 24.49
CA SER A 251 -5.24 27.16 25.73
C SER A 251 -6.68 27.60 25.44
N LYS A 252 -6.87 28.25 24.30
CA LYS A 252 -8.20 28.67 23.88
C LYS A 252 -8.81 27.69 22.89
N VAL A 253 -7.96 26.90 22.24
CA VAL A 253 -8.43 25.92 21.26
C VAL A 253 -9.11 24.75 21.96
N VAL A 254 -8.45 24.21 22.98
CA VAL A 254 -9.01 23.14 23.80
C VAL A 254 -8.82 23.49 25.28
N PRO A 255 -9.71 24.32 25.83
CA PRO A 255 -9.53 24.88 27.17
C PRO A 255 -9.24 23.87 28.31
N PRO A 256 -9.92 22.71 28.35
CA PRO A 256 -9.66 21.83 29.51
C PRO A 256 -8.31 21.13 29.48
N LEU A 257 -7.60 21.20 28.35
CA LEU A 257 -6.35 20.45 28.20
C LEU A 257 -5.20 21.11 28.96
N ASP A 258 -4.42 20.29 29.68
CA ASP A 258 -3.30 20.79 30.48
C ASP A 258 -2.08 21.11 29.60
N GLU A 259 -1.02 21.60 30.24
CA GLU A 259 0.16 22.06 29.51
C GLU A 259 0.78 20.99 28.63
N ASP A 260 0.96 19.78 29.17
CA ASP A 260 1.52 18.68 28.39
C ASP A 260 0.60 18.29 27.24
N GLY A 261 -0.70 18.24 27.51
CA GLY A 261 -1.66 17.92 26.47
C GLY A 261 -1.68 18.93 25.32
N ARG A 262 -1.61 20.22 25.66
CA ARG A 262 -1.57 21.27 24.64
C ARG A 262 -0.29 21.17 23.84
N SER A 263 0.81 20.86 24.51
CA SER A 263 2.09 20.70 23.81
C SER A 263 2.00 19.62 22.74
N LEU A 264 1.49 18.45 23.14
CA LEU A 264 1.36 17.34 22.19
C LEU A 264 0.40 17.70 21.06
N LEU A 265 -0.75 18.26 21.41
CA LEU A 265 -1.74 18.59 20.39
C LEU A 265 -1.16 19.58 19.37
N SER A 266 -0.40 20.56 19.86
CA SER A 266 0.18 21.56 18.97
C SER A 266 1.17 20.93 17.99
N GLN A 267 1.82 19.86 18.42
CA GLN A 267 2.82 19.20 17.57
C GLN A 267 2.16 18.27 16.53
N MET A 268 0.98 17.77 16.85
CA MET A 268 0.22 16.95 15.92
C MET A 268 -0.50 17.80 14.88
N LEU A 269 -0.68 19.09 15.19
CA LEU A 269 -1.39 20.00 14.29
C LEU A 269 -0.47 21.06 13.68
N HIS A 270 0.84 20.79 13.68
CA HIS A 270 1.78 21.66 12.99
C HIS A 270 1.38 21.72 11.53
N TYR A 271 1.40 22.93 10.94
CA TYR A 271 1.05 23.07 9.53
C TYR A 271 2.00 22.31 8.62
N ASP A 272 3.29 22.51 8.84
CA ASP A 272 4.31 21.91 8.00
C ASP A 272 4.39 20.41 8.26
N PRO A 273 4.04 19.58 7.26
CA PRO A 273 4.00 18.12 7.44
C PRO A 273 5.35 17.56 7.85
N ASN A 274 6.41 18.23 7.43
CA ASN A 274 7.76 17.77 7.77
C ASN A 274 8.15 18.08 9.21
N LYS A 275 7.40 18.98 9.85
CA LYS A 275 7.66 19.32 11.25
C LYS A 275 6.66 18.66 12.20
N ARG A 276 5.55 18.20 11.63
CA ARG A 276 4.49 17.54 12.42
C ARG A 276 5.06 16.31 13.11
N ILE A 277 4.73 16.11 14.38
CA ILE A 277 5.29 14.99 15.13
C ILE A 277 4.91 13.62 14.54
N SER A 278 5.83 12.66 14.61
CA SER A 278 5.52 11.31 14.15
C SER A 278 4.85 10.52 15.28
N ALA A 279 4.11 9.48 14.92
CA ALA A 279 3.47 8.63 15.92
C ALA A 279 4.48 8.02 16.88
N LYS A 280 5.61 7.54 16.37
CA LYS A 280 6.53 6.91 17.30
C LYS A 280 7.23 7.93 18.20
N ALA A 281 7.47 9.14 17.69
CA ALA A 281 8.04 10.17 18.56
C ALA A 281 7.05 10.60 19.64
N ALA A 282 5.78 10.64 19.26
CA ALA A 282 4.70 11.05 20.15
C ALA A 282 4.55 10.10 21.36
N LEU A 283 4.90 8.84 21.17
CA LEU A 283 4.81 7.86 22.27
C LEU A 283 5.66 8.26 23.48
N ALA A 284 6.71 9.04 23.24
CA ALA A 284 7.62 9.46 24.32
C ALA A 284 7.29 10.85 24.87
N HIS A 285 6.17 11.42 24.46
CA HIS A 285 5.81 12.75 24.95
C HIS A 285 5.46 12.70 26.44
N PRO A 286 5.86 13.73 27.21
CA PRO A 286 5.57 13.80 28.66
C PRO A 286 4.08 13.66 29.02
N PHE A 287 3.19 13.91 28.07
CA PHE A 287 1.75 13.76 28.30
C PHE A 287 1.42 12.34 28.76
N PHE A 288 2.20 11.37 28.30
CA PHE A 288 1.93 9.98 28.64
C PHE A 288 2.71 9.46 29.83
N GLN A 289 3.33 10.36 30.60
CA GLN A 289 4.16 9.91 31.71
C GLN A 289 3.38 9.07 32.73
N ASP A 290 2.11 9.41 32.92
CA ASP A 290 1.30 8.69 33.91
C ASP A 290 0.19 7.86 33.28
N VAL A 291 0.37 7.49 32.02
CA VAL A 291 -0.67 6.75 31.30
C VAL A 291 -0.93 5.37 31.92
N THR A 292 -2.20 5.00 31.97
CA THR A 292 -2.63 3.69 32.45
C THR A 292 -3.57 3.11 31.41
N LYS A 293 -4.28 2.03 31.77
CA LYS A 293 -5.28 1.48 30.87
C LYS A 293 -6.62 1.28 31.60
N PRO A 294 -7.35 2.38 31.83
CA PRO A 294 -8.63 2.26 32.53
C PRO A 294 -9.71 1.67 31.63
N VAL A 295 -10.74 1.07 32.22
CA VAL A 295 -11.91 0.63 31.47
C VAL A 295 -12.77 1.87 31.15
N PRO A 296 -13.67 1.76 30.15
CA PRO A 296 -14.53 2.90 29.84
C PRO A 296 -15.39 3.33 31.03
N HIS A 297 -15.71 4.62 31.09
CA HIS A 297 -16.48 5.17 32.21
C HIS A 297 -17.98 4.94 32.04
N LEU A 298 -18.38 4.51 30.84
CA LEU A 298 -19.78 4.18 30.57
C LEU A 298 -19.86 2.71 30.17
N ARG A 299 -20.98 2.08 30.45
CA ARG A 299 -21.19 0.69 30.06
C ARG A 299 -21.37 0.63 28.54
N LEU A 300 -20.72 -0.33 27.89
CA LEU A 300 -20.82 -0.44 26.44
C LEU A 300 -22.02 -1.30 26.05
N ASN B 4 8.61 14.62 -0.49
CA ASN B 4 8.12 13.25 -0.59
C ASN B 4 8.86 12.27 0.31
N GLU B 5 9.86 12.77 1.04
CA GLU B 5 10.60 11.90 1.95
C GLU B 5 9.81 11.66 3.23
N VAL B 6 10.09 10.51 3.86
CA VAL B 6 9.43 10.11 5.11
C VAL B 6 10.52 9.73 6.12
N PRO B 7 11.43 10.68 6.42
CA PRO B 7 12.69 10.36 7.13
C PRO B 7 12.50 9.56 8.41
N ASP B 8 11.38 9.75 9.10
CA ASP B 8 11.16 9.10 10.39
C ASP B 8 10.96 7.59 10.27
N TYR B 9 10.52 7.12 9.11
CA TYR B 9 10.20 5.70 8.95
C TYR B 9 11.02 4.97 7.89
N HIS B 10 11.94 5.67 7.24
CA HIS B 10 12.72 5.08 6.15
C HIS B 10 13.39 3.76 6.55
N GLU B 11 14.05 3.77 7.69
CA GLU B 11 14.79 2.59 8.13
C GLU B 11 13.87 1.42 8.50
N ASP B 12 12.80 1.71 9.24
CA ASP B 12 11.81 0.70 9.59
C ASP B 12 11.28 0.03 8.33
N ILE B 13 10.91 0.87 7.34
CA ILE B 13 10.33 0.36 6.13
C ILE B 13 11.29 -0.51 5.33
N HIS B 14 12.54 -0.06 5.22
CA HIS B 14 13.56 -0.84 4.51
C HIS B 14 13.73 -2.20 5.18
N THR B 15 13.83 -2.20 6.50
CA THR B 15 13.98 -3.45 7.24
C THR B 15 12.80 -4.36 6.99
N TYR B 16 11.60 -3.78 7.02
CA TYR B 16 10.40 -4.56 6.75
C TYR B 16 10.36 -5.16 5.33
N LEU B 17 10.71 -4.35 4.32
CA LEU B 17 10.75 -4.84 2.94
C LEU B 17 11.79 -5.97 2.81
N ARG B 18 12.91 -5.84 3.51
CA ARG B 18 13.93 -6.90 3.49
C ARG B 18 13.38 -8.22 4.09
N GLU B 19 12.50 -8.11 5.08
CA GLU B 19 11.83 -9.29 5.64
C GLU B 19 10.87 -9.88 4.63
N MET B 20 10.05 -9.02 4.05
CA MET B 20 8.98 -9.50 3.17
C MET B 20 9.45 -10.03 1.81
N GLU B 21 10.57 -9.53 1.28
CA GLU B 21 11.01 -9.97 -0.04
C GLU B 21 11.42 -11.44 -0.01
N VAL B 22 11.81 -11.92 1.16
CA VAL B 22 12.13 -13.33 1.29
C VAL B 22 10.85 -14.16 1.30
N LYS B 23 9.80 -13.63 1.92
CA LYS B 23 8.53 -14.33 2.01
C LYS B 23 7.73 -14.29 0.70
N CYS B 24 7.93 -13.26 -0.10
CA CYS B 24 7.17 -13.09 -1.35
C CYS B 24 7.93 -13.56 -2.57
N LYS B 25 9.05 -14.24 -2.34
CA LYS B 25 9.90 -14.70 -3.43
C LYS B 25 9.30 -15.90 -4.16
N PRO B 26 9.28 -15.86 -5.50
CA PRO B 26 8.83 -17.02 -6.27
C PRO B 26 9.86 -18.14 -6.21
N LYS B 27 9.46 -19.35 -6.57
CA LYS B 27 10.37 -20.50 -6.56
C LYS B 27 11.32 -20.46 -7.77
N VAL B 28 12.61 -20.44 -7.49
CA VAL B 28 13.64 -20.27 -8.52
C VAL B 28 13.53 -21.23 -9.71
N GLY B 29 13.29 -22.51 -9.45
CA GLY B 29 13.29 -23.50 -10.52
C GLY B 29 11.93 -23.90 -11.07
N TYR B 30 10.91 -23.07 -10.81
CA TYR B 30 9.53 -23.45 -11.12
C TYR B 30 9.27 -23.80 -12.59
N MET B 31 10.01 -23.17 -13.50
CA MET B 31 9.75 -23.35 -14.93
C MET B 31 10.03 -24.80 -15.36
N LYS B 32 10.92 -25.47 -14.62
CA LYS B 32 11.23 -26.88 -14.91
C LYS B 32 10.07 -27.80 -14.56
N LYS B 33 9.15 -27.32 -13.73
CA LYS B 33 8.00 -28.11 -13.31
C LYS B 33 6.77 -27.84 -14.18
N GLN B 34 6.87 -26.83 -15.05
CA GLN B 34 5.78 -26.53 -15.97
C GLN B 34 5.86 -27.48 -17.17
N PRO B 35 4.75 -28.16 -17.48
CA PRO B 35 4.73 -29.10 -18.60
C PRO B 35 4.78 -28.44 -19.98
N ASP B 36 4.24 -27.23 -20.11
CA ASP B 36 4.14 -26.62 -21.44
C ASP B 36 4.93 -25.32 -21.61
N ILE B 37 4.79 -24.39 -20.67
CA ILE B 37 5.40 -23.09 -20.85
C ILE B 37 6.89 -23.08 -20.52
N THR B 38 7.57 -22.05 -21.00
CA THR B 38 9.02 -21.94 -20.88
C THR B 38 9.45 -20.52 -20.55
N ASN B 39 10.73 -20.34 -20.25
CA ASN B 39 11.24 -18.99 -19.98
C ASN B 39 11.08 -18.07 -21.18
N SER B 40 11.16 -18.64 -22.38
CA SER B 40 11.01 -17.86 -23.60
C SER B 40 9.57 -17.35 -23.76
N MET B 41 8.61 -18.16 -23.35
CA MET B 41 7.22 -17.73 -23.39
C MET B 41 6.95 -16.68 -22.32
N ARG B 42 7.55 -16.87 -21.15
CA ARG B 42 7.43 -15.89 -20.08
C ARG B 42 8.01 -14.55 -20.52
N ALA B 43 9.14 -14.58 -21.22
CA ALA B 43 9.75 -13.36 -21.72
C ALA B 43 8.81 -12.63 -22.68
N ILE B 44 8.16 -13.39 -23.57
CA ILE B 44 7.19 -12.83 -24.50
C ILE B 44 6.05 -12.15 -23.73
N LEU B 45 5.56 -12.85 -22.71
CA LEU B 45 4.49 -12.30 -21.86
C LEU B 45 4.89 -11.01 -21.15
N VAL B 46 6.04 -11.00 -20.50
CA VAL B 46 6.45 -9.81 -19.74
C VAL B 46 6.69 -8.63 -20.68
N ASP B 47 7.29 -8.88 -21.84
CA ASP B 47 7.51 -7.83 -22.81
C ASP B 47 6.19 -7.20 -23.26
N TRP B 48 5.17 -8.05 -23.45
CA TRP B 48 3.84 -7.55 -23.76
C TRP B 48 3.26 -6.72 -22.61
N LEU B 49 3.48 -7.14 -21.37
CA LEU B 49 2.97 -6.35 -20.24
C LEU B 49 3.62 -4.98 -20.17
N VAL B 50 4.88 -4.89 -20.59
CA VAL B 50 5.56 -3.59 -20.66
C VAL B 50 4.79 -2.68 -21.62
N GLU B 51 4.43 -3.22 -22.78
CA GLU B 51 3.66 -2.47 -23.77
C GLU B 51 2.30 -2.05 -23.24
N VAL B 52 1.65 -2.97 -22.52
CA VAL B 52 0.34 -2.67 -21.96
C VAL B 52 0.46 -1.52 -20.95
N GLY B 53 1.50 -1.57 -20.12
CA GLY B 53 1.74 -0.51 -19.16
C GLY B 53 1.97 0.83 -19.83
N GLU B 54 2.69 0.82 -20.94
CA GLU B 54 2.89 2.04 -21.73
C GLU B 54 1.61 2.56 -22.35
N GLU B 55 0.80 1.65 -22.88
CA GLU B 55 -0.46 2.05 -23.54
C GLU B 55 -1.45 2.70 -22.56
N TYR B 56 -1.51 2.17 -21.35
CA TYR B 56 -2.44 2.70 -20.37
C TYR B 56 -1.78 3.62 -19.36
N LYS B 57 -0.53 3.99 -19.66
CA LYS B 57 0.23 4.93 -18.82
C LYS B 57 0.26 4.50 -17.35
N LEU B 58 0.57 3.23 -17.13
CA LEU B 58 0.63 2.68 -15.78
C LEU B 58 2.01 2.91 -15.16
N GLN B 59 2.08 2.89 -13.84
CA GLN B 59 3.34 3.02 -13.12
C GLN B 59 4.26 1.84 -13.36
N ASN B 60 5.56 2.09 -13.27
CA ASN B 60 6.54 1.03 -13.31
C ASN B 60 6.31 0.05 -12.16
N GLU B 61 5.89 0.57 -11.01
CA GLU B 61 5.65 -0.30 -9.85
C GLU B 61 4.58 -1.33 -10.17
N THR B 62 3.55 -0.92 -10.90
CA THR B 62 2.45 -1.81 -11.29
C THR B 62 2.97 -2.99 -12.11
N LEU B 63 3.85 -2.69 -13.06
CA LEU B 63 4.48 -3.73 -13.86
C LEU B 63 5.28 -4.70 -13.00
N HIS B 64 6.08 -4.17 -12.08
CA HIS B 64 6.89 -5.02 -11.21
C HIS B 64 6.03 -5.93 -10.33
N LEU B 65 4.94 -5.37 -9.80
CA LEU B 65 4.02 -6.15 -8.99
C LEU B 65 3.40 -7.27 -9.81
N ALA B 66 2.95 -6.96 -11.03
CA ALA B 66 2.31 -7.94 -11.89
C ALA B 66 3.23 -9.13 -12.14
N VAL B 67 4.51 -8.85 -12.40
CA VAL B 67 5.48 -9.90 -12.66
C VAL B 67 5.68 -10.76 -11.42
N ASN B 68 5.75 -10.11 -10.27
CA ASN B 68 5.80 -10.86 -9.00
C ASN B 68 4.61 -11.81 -8.85
N TYR B 69 3.40 -11.32 -9.15
CA TYR B 69 2.20 -12.15 -9.01
C TYR B 69 2.24 -13.32 -9.97
N ILE B 70 2.69 -13.06 -11.19
CA ILE B 70 2.76 -14.10 -12.21
C ILE B 70 3.73 -15.20 -11.81
N ASP B 71 4.93 -14.81 -11.37
CA ASP B 71 5.92 -15.81 -11.00
C ASP B 71 5.50 -16.63 -9.79
N ARG B 72 4.86 -15.99 -8.81
CA ARG B 72 4.33 -16.74 -7.68
C ARG B 72 3.19 -17.69 -8.09
N PHE B 73 2.32 -17.23 -8.99
CA PHE B 73 1.21 -18.06 -9.47
C PHE B 73 1.75 -19.30 -10.19
N LEU B 74 2.73 -19.10 -11.06
CA LEU B 74 3.27 -20.18 -11.86
C LEU B 74 4.17 -21.10 -11.02
N SER B 75 4.54 -20.63 -9.83
CA SER B 75 5.30 -21.46 -8.91
C SER B 75 4.40 -22.52 -8.28
N SER B 76 3.09 -22.30 -8.32
CA SER B 76 2.13 -23.21 -7.68
C SER B 76 1.22 -23.91 -8.67
N MET B 77 0.93 -23.27 -9.80
CA MET B 77 -0.07 -23.78 -10.74
C MET B 77 0.50 -24.04 -12.14
N SER B 78 0.17 -25.19 -12.70
CA SER B 78 0.53 -25.50 -14.09
C SER B 78 -0.41 -24.76 -15.03
N VAL B 79 0.13 -24.19 -16.11
CA VAL B 79 -0.65 -23.38 -17.04
C VAL B 79 -0.23 -23.72 -18.47
N LEU B 80 -1.20 -24.02 -19.33
CA LEU B 80 -0.91 -24.29 -20.74
C LEU B 80 -0.68 -22.95 -21.45
N ARG B 81 0.07 -22.98 -22.55
CA ARG B 81 0.50 -21.73 -23.19
C ARG B 81 -0.66 -20.82 -23.59
N GLY B 82 -1.79 -21.41 -23.96
CA GLY B 82 -2.95 -20.65 -24.39
C GLY B 82 -3.61 -19.85 -23.27
N LYS B 83 -3.21 -20.14 -22.03
CA LYS B 83 -3.80 -19.49 -20.85
C LYS B 83 -2.81 -18.56 -20.18
N LEU B 84 -1.56 -18.56 -20.66
CA LEU B 84 -0.51 -17.75 -20.05
C LEU B 84 -0.84 -16.26 -20.11
N GLN B 85 -1.39 -15.81 -21.23
CA GLN B 85 -1.74 -14.40 -21.38
C GLN B 85 -2.89 -14.01 -20.45
N LEU B 86 -3.78 -14.97 -20.16
CA LEU B 86 -4.89 -14.72 -19.25
C LEU B 86 -4.35 -14.52 -17.83
N VAL B 87 -3.39 -15.35 -17.45
CA VAL B 87 -2.73 -15.18 -16.16
C VAL B 87 -2.09 -13.80 -16.06
N GLY B 88 -1.35 -13.42 -17.09
CA GLY B 88 -0.67 -12.14 -17.10
C GLY B 88 -1.64 -10.98 -17.07
N THR B 89 -2.77 -11.13 -17.75
CA THR B 89 -3.78 -10.08 -17.78
C THR B 89 -4.44 -9.88 -16.43
N ALA B 90 -4.82 -10.97 -15.78
CA ALA B 90 -5.38 -10.88 -14.43
C ALA B 90 -4.37 -10.31 -13.43
N ALA B 91 -3.10 -10.67 -13.57
CA ALA B 91 -2.08 -10.13 -12.68
C ALA B 91 -1.94 -8.62 -12.85
N MET B 92 -2.00 -8.16 -14.09
CA MET B 92 -1.90 -6.72 -14.37
C MET B 92 -3.12 -5.98 -13.85
N LEU B 93 -4.29 -6.62 -13.97
CA LEU B 93 -5.52 -6.07 -13.43
C LEU B 93 -5.41 -5.92 -11.91
N LEU B 94 -4.95 -6.98 -11.25
CA LEU B 94 -4.80 -6.96 -9.79
C LEU B 94 -3.78 -5.94 -9.32
N ALA B 95 -2.64 -5.90 -10.00
CA ALA B 95 -1.58 -4.96 -9.65
C ALA B 95 -2.07 -3.52 -9.86
N SER B 96 -2.89 -3.32 -10.89
CA SER B 96 -3.47 -2.00 -11.14
C SER B 96 -4.43 -1.59 -10.03
N LYS B 97 -5.29 -2.51 -9.63
CA LYS B 97 -6.23 -2.21 -8.55
C LYS B 97 -5.48 -1.85 -7.26
N PHE B 98 -4.38 -2.55 -7.00
CA PHE B 98 -3.60 -2.32 -5.79
C PHE B 98 -2.87 -0.97 -5.85
N GLU B 99 -2.23 -0.70 -6.98
CA GLU B 99 -1.23 0.35 -7.06
C GLU B 99 -1.68 1.66 -7.69
N GLU B 100 -2.60 1.57 -8.65
CA GLU B 100 -2.97 2.74 -9.46
C GLU B 100 -4.07 3.60 -8.85
N ILE B 101 -3.95 4.92 -9.05
CA ILE B 101 -5.05 5.83 -8.72
C ILE B 101 -6.24 5.55 -9.64
N TYR B 102 -5.97 5.34 -10.93
CA TYR B 102 -7.04 5.01 -11.88
C TYR B 102 -6.75 3.71 -12.62
N PRO B 103 -7.14 2.57 -12.03
CA PRO B 103 -6.91 1.27 -12.69
C PRO B 103 -7.76 1.20 -13.96
N PRO B 104 -7.23 0.64 -15.05
CA PRO B 104 -8.07 0.46 -16.24
C PRO B 104 -9.21 -0.52 -15.97
N GLU B 105 -10.33 -0.34 -16.66
CA GLU B 105 -11.48 -1.23 -16.52
C GLU B 105 -11.14 -2.60 -17.09
N VAL B 106 -11.87 -3.62 -16.65
CA VAL B 106 -11.68 -4.98 -17.14
C VAL B 106 -11.86 -5.05 -18.66
N ALA B 107 -12.79 -4.26 -19.19
CA ALA B 107 -13.02 -4.21 -20.63
C ALA B 107 -11.78 -3.78 -21.41
N GLU B 108 -10.98 -2.90 -20.81
CA GLU B 108 -9.75 -2.44 -21.45
C GLU B 108 -8.70 -3.55 -21.49
N PHE B 109 -8.63 -4.34 -20.42
CA PHE B 109 -7.68 -5.45 -20.40
C PHE B 109 -8.10 -6.53 -21.40
N VAL B 110 -9.40 -6.80 -21.50
CA VAL B 110 -9.91 -7.72 -22.51
C VAL B 110 -9.53 -7.25 -23.90
N TYR B 111 -9.81 -5.99 -24.16
CA TYR B 111 -9.47 -5.35 -25.43
C TYR B 111 -8.00 -5.50 -25.80
N ILE B 112 -7.12 -5.28 -24.83
CA ILE B 112 -5.69 -5.23 -25.12
C ILE B 112 -5.09 -6.63 -25.39
N THR B 113 -5.86 -7.68 -25.11
CA THR B 113 -5.46 -9.03 -25.51
C THR B 113 -5.93 -9.33 -26.94
N ASP B 114 -6.46 -8.32 -27.61
CA ASP B 114 -7.08 -8.46 -28.93
C ASP B 114 -8.28 -9.41 -28.83
N ASP B 115 -9.03 -9.26 -27.74
CA ASP B 115 -10.21 -10.07 -27.44
C ASP B 115 -9.97 -11.57 -27.45
N THR B 116 -8.85 -11.99 -26.86
CA THR B 116 -8.53 -13.40 -26.73
C THR B 116 -9.43 -14.08 -25.70
N TYR B 117 -9.71 -13.37 -24.61
CA TYR B 117 -10.54 -13.90 -23.53
C TYR B 117 -11.75 -13.00 -23.32
N THR B 118 -12.74 -13.50 -22.59
CA THR B 118 -13.92 -12.71 -22.27
C THR B 118 -13.73 -12.01 -20.93
N LYS B 119 -14.57 -11.03 -20.66
CA LYS B 119 -14.59 -10.35 -19.38
C LYS B 119 -14.72 -11.33 -18.21
N LYS B 120 -15.69 -12.24 -18.30
CA LYS B 120 -15.94 -13.22 -17.25
C LYS B 120 -14.73 -14.12 -17.00
N GLN B 121 -14.02 -14.48 -18.06
CA GLN B 121 -12.83 -15.31 -17.92
C GLN B 121 -11.72 -14.56 -17.18
N VAL B 122 -11.55 -13.29 -17.51
CA VAL B 122 -10.55 -12.46 -16.83
C VAL B 122 -10.89 -12.32 -15.35
N LEU B 123 -12.17 -12.11 -15.05
CA LEU B 123 -12.60 -11.96 -13.66
C LEU B 123 -12.45 -13.27 -12.89
N ARG B 124 -12.75 -14.39 -13.54
CA ARG B 124 -12.55 -15.69 -12.91
C ARG B 124 -11.08 -15.95 -12.63
N MET B 125 -10.22 -15.58 -13.59
CA MET B 125 -8.78 -15.72 -13.39
C MET B 125 -8.28 -14.81 -12.26
N GLU B 126 -8.81 -13.59 -12.18
CA GLU B 126 -8.50 -12.71 -11.05
C GLU B 126 -8.79 -13.41 -9.72
N HIS B 127 -9.96 -14.03 -9.64
CA HIS B 127 -10.38 -14.78 -8.45
C HIS B 127 -9.37 -15.88 -8.15
N LEU B 128 -8.98 -16.63 -9.17
CA LEU B 128 -8.07 -17.74 -9.01
C LEU B 128 -6.67 -17.27 -8.56
N VAL B 129 -6.20 -16.17 -9.13
CA VAL B 129 -4.91 -15.62 -8.75
C VAL B 129 -4.93 -15.22 -7.27
N LEU B 130 -6.01 -14.55 -6.85
CA LEU B 130 -6.15 -14.13 -5.46
C LEU B 130 -6.12 -15.30 -4.49
N LYS B 131 -6.80 -16.39 -4.87
CA LYS B 131 -6.82 -17.60 -4.05
C LYS B 131 -5.43 -18.23 -3.95
N VAL B 132 -4.76 -18.38 -5.08
CA VAL B 132 -3.41 -18.96 -5.10
C VAL B 132 -2.40 -18.12 -4.34
N LEU B 133 -2.50 -16.80 -4.47
CA LEU B 133 -1.61 -15.90 -3.75
C LEU B 133 -2.06 -15.65 -2.31
N THR B 134 -3.19 -16.25 -1.94
CA THR B 134 -3.84 -16.00 -0.65
C THR B 134 -3.90 -14.51 -0.30
N PHE B 135 -4.30 -13.69 -1.27
CA PHE B 135 -4.47 -12.26 -1.08
C PHE B 135 -3.20 -11.53 -0.64
N ASP B 136 -2.04 -12.16 -0.78
CA ASP B 136 -0.80 -11.51 -0.34
C ASP B 136 -0.22 -10.70 -1.49
N LEU B 137 -0.72 -9.48 -1.66
CA LEU B 137 -0.42 -8.68 -2.85
C LEU B 137 0.61 -7.57 -2.60
N ALA B 138 0.85 -7.23 -1.35
CA ALA B 138 1.73 -6.09 -1.04
C ALA B 138 3.21 -6.50 -1.08
N ALA B 139 3.65 -6.94 -2.25
CA ALA B 139 5.00 -7.50 -2.40
C ALA B 139 6.04 -6.41 -2.60
N PRO B 140 7.24 -6.62 -2.04
CA PRO B 140 8.35 -5.71 -2.31
C PRO B 140 8.84 -5.91 -3.74
N THR B 141 9.28 -4.85 -4.40
CA THR B 141 9.73 -4.94 -5.77
C THR B 141 11.13 -4.35 -5.90
N VAL B 142 11.79 -4.60 -7.04
CA VAL B 142 13.06 -3.95 -7.34
C VAL B 142 12.87 -2.43 -7.28
N ASN B 143 11.75 -1.97 -7.78
CA ASN B 143 11.45 -0.55 -7.84
C ASN B 143 11.38 0.09 -6.46
N GLN B 144 10.78 -0.61 -5.50
CA GLN B 144 10.70 -0.09 -4.16
C GLN B 144 12.07 0.07 -3.50
N PHE B 145 13.00 -0.84 -3.80
CA PHE B 145 14.36 -0.69 -3.29
C PHE B 145 15.13 0.40 -4.03
N LEU B 146 14.99 0.45 -5.36
CA LEU B 146 15.69 1.49 -6.13
C LEU B 146 15.36 2.89 -5.64
N THR B 147 14.08 3.18 -5.39
CA THR B 147 13.74 4.55 -5.01
C THR B 147 14.36 4.93 -3.67
N GLN B 148 14.54 3.95 -2.78
CA GLN B 148 15.23 4.24 -1.53
C GLN B 148 16.71 4.47 -1.77
N TYR B 149 17.31 3.63 -2.59
CA TYR B 149 18.74 3.77 -2.89
C TYR B 149 19.06 5.12 -3.55
N PHE B 150 18.14 5.62 -4.37
CA PHE B 150 18.34 6.90 -5.07
C PHE B 150 18.58 8.06 -4.11
N LEU B 151 18.02 7.98 -2.91
CA LEU B 151 18.20 9.04 -1.91
C LEU B 151 19.65 9.18 -1.44
N HIS B 152 20.46 8.19 -1.77
CA HIS B 152 21.88 8.18 -1.42
C HIS B 152 22.78 8.75 -2.52
N GLN B 153 22.19 9.36 -3.53
CA GLN B 153 22.98 9.99 -4.58
C GLN B 153 23.68 11.27 -4.12
N GLN B 154 24.93 11.45 -4.55
CA GLN B 154 25.69 12.65 -4.19
C GLN B 154 26.20 13.39 -5.44
N PRO B 155 25.38 14.32 -5.97
CA PRO B 155 23.98 14.54 -5.59
C PRO B 155 23.04 13.88 -6.59
N ALA B 156 21.75 14.23 -6.55
CA ALA B 156 20.74 13.59 -7.39
C ALA B 156 21.06 13.73 -8.88
N ASN B 157 20.93 12.62 -9.61
CA ASN B 157 21.17 12.58 -11.04
C ASN B 157 20.05 11.83 -11.72
N CYS B 158 19.21 12.52 -12.48
CA CYS B 158 18.04 11.89 -13.08
C CYS B 158 18.37 10.88 -14.18
N LYS B 159 19.52 11.04 -14.83
CA LYS B 159 19.97 10.08 -15.81
C LYS B 159 20.34 8.76 -15.14
N VAL B 160 21.04 8.84 -14.00
CA VAL B 160 21.35 7.64 -13.22
C VAL B 160 20.07 6.94 -12.78
N GLU B 161 19.09 7.70 -12.30
CA GLU B 161 17.84 7.10 -11.86
C GLU B 161 17.12 6.38 -13.01
N SER B 162 17.02 7.04 -14.17
CA SER B 162 16.37 6.43 -15.32
C SER B 162 17.06 5.16 -15.79
N LEU B 163 18.38 5.19 -15.82
CA LEU B 163 19.16 4.05 -16.27
C LEU B 163 19.05 2.89 -15.27
N ALA B 164 19.00 3.21 -13.97
CA ALA B 164 18.81 2.17 -12.97
C ALA B 164 17.44 1.51 -13.14
N MET B 165 16.41 2.32 -13.37
CA MET B 165 15.07 1.78 -13.58
CA MET B 165 15.07 1.79 -13.58
C MET B 165 15.02 0.90 -14.83
N PHE B 166 15.69 1.35 -15.88
CA PHE B 166 15.79 0.60 -17.12
C PHE B 166 16.41 -0.78 -16.87
N LEU B 167 17.54 -0.80 -16.16
CA LEU B 167 18.22 -2.05 -15.89
C LEU B 167 17.39 -2.97 -15.00
N GLY B 168 16.71 -2.40 -14.01
CA GLY B 168 15.81 -3.18 -13.17
C GLY B 168 14.66 -3.79 -13.94
N GLU B 169 14.16 -3.06 -14.92
CA GLU B 169 13.08 -3.57 -15.76
C GLU B 169 13.57 -4.70 -16.67
N LEU B 170 14.77 -4.55 -17.23
CA LEU B 170 15.32 -5.60 -18.07
C LEU B 170 15.38 -6.93 -17.32
N SER B 171 15.64 -6.88 -16.02
CA SER B 171 15.73 -8.10 -15.21
C SER B 171 14.40 -8.88 -15.15
N LEU B 172 13.28 -8.19 -15.32
CA LEU B 172 11.96 -8.82 -15.28
C LEU B 172 11.75 -9.79 -16.45
N ILE B 173 12.43 -9.52 -17.56
CA ILE B 173 12.20 -10.29 -18.78
C ILE B 173 12.75 -11.71 -18.69
N ASP B 174 13.91 -11.86 -18.04
CA ASP B 174 14.67 -13.10 -18.11
C ASP B 174 14.70 -13.84 -16.76
N ALA B 175 13.82 -14.82 -16.60
CA ALA B 175 13.71 -15.57 -15.35
C ALA B 175 15.02 -16.26 -15.01
N ASP B 176 15.69 -16.77 -16.04
CA ASP B 176 17.05 -17.23 -15.92
C ASP B 176 17.88 -16.09 -16.46
N PRO B 177 18.67 -15.43 -15.61
CA PRO B 177 19.05 -15.82 -14.24
C PRO B 177 18.35 -15.09 -13.09
N TYR B 178 17.49 -14.12 -13.39
CA TYR B 178 17.12 -13.16 -12.33
C TYR B 178 16.23 -13.68 -11.20
N LEU B 179 15.56 -14.82 -11.39
CA LEU B 179 14.82 -15.41 -10.28
C LEU B 179 15.73 -15.84 -9.13
N LYS B 180 17.03 -16.00 -9.42
CA LYS B 180 18.01 -16.35 -8.40
C LYS B 180 18.24 -15.26 -7.36
N TYR B 181 17.92 -14.01 -7.72
CA TYR B 181 18.29 -12.86 -6.89
C TYR B 181 17.09 -12.18 -6.25
N LEU B 182 17.28 -11.70 -5.02
CA LEU B 182 16.27 -10.91 -4.33
C LEU B 182 16.15 -9.53 -4.97
N PRO B 183 14.95 -8.92 -4.92
CA PRO B 183 14.76 -7.57 -5.45
C PRO B 183 15.77 -6.55 -4.89
N SER B 184 16.14 -6.66 -3.62
CA SER B 184 17.06 -5.69 -3.02
C SER B 184 18.45 -5.81 -3.65
N VAL B 185 18.78 -7.01 -4.10
CA VAL B 185 20.07 -7.29 -4.69
C VAL B 185 20.09 -6.83 -6.15
N ILE B 186 19.04 -7.16 -6.88
CA ILE B 186 18.91 -6.67 -8.25
C ILE B 186 18.92 -5.14 -8.26
N ALA B 187 18.18 -4.52 -7.33
CA ALA B 187 18.19 -3.07 -7.22
C ALA B 187 19.59 -2.52 -6.94
N GLY B 188 20.35 -3.23 -6.12
CA GLY B 188 21.71 -2.80 -5.80
C GLY B 188 22.61 -2.85 -7.02
N ALA B 189 22.54 -3.97 -7.73
CA ALA B 189 23.32 -4.13 -8.95
C ALA B 189 22.92 -3.09 -10.00
N ALA B 190 21.61 -2.84 -10.13
CA ALA B 190 21.13 -1.86 -11.11
C ALA B 190 21.59 -0.46 -10.76
N PHE B 191 21.53 -0.11 -9.48
CA PHE B 191 21.96 1.22 -9.06
C PHE B 191 23.45 1.40 -9.30
N HIS B 192 24.27 0.45 -8.85
CA HIS B 192 25.70 0.58 -9.09
C HIS B 192 26.03 0.66 -10.58
N LEU B 193 25.42 -0.21 -11.38
CA LEU B 193 25.75 -0.26 -12.79
C LEU B 193 25.35 1.04 -13.48
N ALA B 194 24.20 1.58 -13.09
CA ALA B 194 23.73 2.85 -13.67
C ALA B 194 24.64 4.00 -13.24
N LEU B 195 24.95 4.03 -11.95
CA LEU B 195 25.82 5.07 -11.39
C LEU B 195 27.17 5.04 -12.07
N TYR B 196 27.73 3.84 -12.20
CA TYR B 196 29.04 3.68 -12.81
C TYR B 196 29.03 4.06 -14.30
N THR B 197 27.99 3.64 -15.01
CA THR B 197 27.89 3.93 -16.44
C THR B 197 27.88 5.45 -16.70
N VAL B 198 27.06 6.16 -15.95
CA VAL B 198 26.85 7.60 -16.18
C VAL B 198 27.95 8.49 -15.60
N THR B 199 28.42 8.16 -14.39
CA THR B 199 29.31 9.05 -13.66
C THR B 199 30.70 8.49 -13.37
N GLY B 200 30.85 7.17 -13.44
CA GLY B 200 32.12 6.55 -13.09
C GLY B 200 32.26 6.30 -11.60
N GLN B 201 31.24 6.67 -10.83
CA GLN B 201 31.26 6.48 -9.39
C GLN B 201 30.73 5.10 -9.03
N SER B 202 30.93 4.68 -7.80
CA SER B 202 30.54 3.33 -7.37
C SER B 202 29.57 3.35 -6.19
N TRP B 203 28.90 2.22 -5.99
CA TRP B 203 28.08 1.91 -4.80
C TRP B 203 28.62 2.63 -3.56
N PRO B 204 27.83 3.59 -3.04
CA PRO B 204 28.33 4.45 -1.95
C PRO B 204 28.40 3.74 -0.59
N GLU B 205 29.33 4.18 0.25
CA GLU B 205 29.50 3.62 1.58
C GLU B 205 28.23 3.73 2.41
N SER B 206 27.45 4.79 2.17
CA SER B 206 26.19 4.97 2.91
C SER B 206 25.20 3.85 2.62
N LEU B 207 25.29 3.26 1.44
CA LEU B 207 24.41 2.16 1.10
C LEU B 207 24.94 0.84 1.65
N ILE B 208 26.26 0.78 1.87
CA ILE B 208 26.80 -0.38 2.57
C ILE B 208 26.24 -0.36 3.99
N ARG B 209 26.27 0.81 4.62
CA ARG B 209 25.72 0.97 5.97
C ARG B 209 24.22 0.63 6.04
N LYS B 210 23.45 1.07 5.05
CA LYS B 210 22.01 0.82 5.06
C LYS B 210 21.65 -0.64 4.77
N THR B 211 22.27 -1.22 3.75
CA THR B 211 21.84 -2.52 3.21
C THR B 211 22.69 -3.69 3.68
N GLY B 212 23.91 -3.41 4.09
CA GLY B 212 24.86 -4.48 4.39
C GLY B 212 25.49 -5.09 3.15
N TYR B 213 25.07 -4.63 1.96
CA TYR B 213 25.64 -5.15 0.71
C TYR B 213 26.90 -4.39 0.32
N THR B 214 27.86 -5.11 -0.24
CA THR B 214 29.07 -4.52 -0.76
C THR B 214 29.18 -4.88 -2.24
N LEU B 215 30.15 -4.30 -2.93
CA LEU B 215 30.37 -4.67 -4.33
C LEU B 215 30.72 -6.15 -4.43
N GLU B 216 31.37 -6.68 -3.40
CA GLU B 216 31.68 -8.10 -3.36
C GLU B 216 30.40 -8.95 -3.34
N SER B 217 29.46 -8.58 -2.47
CA SER B 217 28.24 -9.38 -2.35
C SER B 217 27.32 -9.17 -3.55
N LEU B 218 27.38 -8.00 -4.16
CA LEU B 218 26.57 -7.70 -5.34
C LEU B 218 27.18 -8.28 -6.62
N LYS B 219 28.43 -8.73 -6.55
CA LYS B 219 29.16 -9.11 -7.77
C LYS B 219 28.46 -10.12 -8.71
N PRO B 220 27.97 -11.26 -8.18
CA PRO B 220 27.33 -12.23 -9.08
C PRO B 220 26.17 -11.62 -9.87
N CYS B 221 25.31 -10.87 -9.19
CA CYS B 221 24.18 -10.25 -9.86
C CYS B 221 24.67 -9.19 -10.84
N LEU B 222 25.69 -8.42 -10.43
CA LEU B 222 26.26 -7.38 -11.28
C LEU B 222 26.85 -7.95 -12.57
N MET B 223 27.55 -9.06 -12.45
CA MET B 223 28.13 -9.73 -13.63
C MET B 223 27.04 -10.15 -14.61
N ASP B 224 25.93 -10.67 -14.09
CA ASP B 224 24.79 -11.04 -14.93
C ASP B 224 24.16 -9.82 -15.57
N LEU B 225 23.92 -8.79 -14.77
CA LEU B 225 23.21 -7.61 -15.24
C LEU B 225 24.04 -6.83 -16.26
N HIS B 226 25.36 -6.85 -16.09
CA HIS B 226 26.24 -6.21 -17.05
C HIS B 226 26.15 -6.91 -18.42
N GLN B 227 26.13 -8.23 -18.39
CA GLN B 227 25.95 -9.00 -19.62
C GLN B 227 24.59 -8.73 -20.27
N THR B 228 23.54 -8.67 -19.46
CA THR B 228 22.22 -8.36 -19.98
C THR B 228 22.21 -6.98 -20.64
N TYR B 229 22.83 -6.03 -19.96
CA TYR B 229 22.92 -4.66 -20.47
C TYR B 229 23.69 -4.65 -21.81
N LEU B 230 24.83 -5.31 -21.84
CA LEU B 230 25.66 -5.35 -23.04
C LEU B 230 24.92 -5.96 -24.24
N LYS B 231 24.12 -6.99 -23.97
CA LYS B 231 23.43 -7.70 -25.04
C LYS B 231 22.02 -7.19 -25.33
N ALA B 232 21.59 -6.17 -24.59
CA ALA B 232 20.21 -5.67 -24.70
C ALA B 232 19.74 -5.31 -26.13
N PRO B 233 20.59 -4.66 -26.93
CA PRO B 233 20.10 -4.33 -28.28
C PRO B 233 19.85 -5.55 -29.17
N GLN B 234 20.36 -6.71 -28.77
CA GLN B 234 20.19 -7.92 -29.57
C GLN B 234 19.10 -8.86 -29.03
N HIS B 235 18.53 -8.52 -27.88
CA HIS B 235 17.53 -9.36 -27.23
C HIS B 235 16.26 -9.45 -28.09
N ALA B 236 15.63 -10.62 -28.09
CA ALA B 236 14.40 -10.83 -28.85
C ALA B 236 13.28 -9.87 -28.40
N GLN B 237 13.27 -9.53 -27.13
CA GLN B 237 12.28 -8.62 -26.58
C GLN B 237 12.86 -7.21 -26.46
N GLN B 238 12.16 -6.23 -27.06
CA GLN B 238 12.70 -4.88 -27.22
C GLN B 238 11.82 -3.77 -26.65
N SER B 239 10.70 -4.13 -26.02
CA SER B 239 9.75 -3.11 -25.60
C SER B 239 10.30 -2.19 -24.51
N ILE B 240 11.15 -2.74 -23.64
CA ILE B 240 11.75 -1.93 -22.58
C ILE B 240 12.77 -0.94 -23.17
N ARG B 241 13.61 -1.41 -24.08
CA ARG B 241 14.54 -0.50 -24.76
C ARG B 241 13.80 0.64 -25.44
N GLU B 242 12.70 0.31 -26.12
CA GLU B 242 11.93 1.33 -26.83
C GLU B 242 11.34 2.33 -25.85
N LYS B 243 10.82 1.81 -24.74
CA LYS B 243 10.23 2.63 -23.69
C LYS B 243 11.23 3.63 -23.13
N TYR B 244 12.45 3.16 -22.90
CA TYR B 244 13.49 4.00 -22.29
C TYR B 244 14.29 4.86 -23.30
N LYS B 245 13.89 4.85 -24.57
CA LYS B 245 14.39 5.84 -25.53
C LYS B 245 13.68 7.18 -25.34
N ASN B 246 12.51 7.13 -24.71
CA ASN B 246 11.70 8.33 -24.43
C ASN B 246 12.50 9.39 -23.68
N SER B 247 12.30 10.66 -24.04
CA SER B 247 12.96 11.77 -23.36
C SER B 247 12.54 11.83 -21.89
N LYS B 248 11.34 11.32 -21.61
CA LYS B 248 10.85 11.17 -20.24
C LYS B 248 11.83 10.40 -19.38
N TYR B 249 12.53 9.45 -19.98
CA TYR B 249 13.55 8.67 -19.28
C TYR B 249 14.95 9.06 -19.74
N HIS B 250 15.06 10.28 -20.25
CA HIS B 250 16.35 10.84 -20.68
C HIS B 250 17.07 10.00 -21.73
N GLY B 251 16.30 9.20 -22.48
CA GLY B 251 16.85 8.35 -23.53
C GLY B 251 17.96 7.41 -23.09
N VAL B 252 17.91 6.95 -21.85
CA VAL B 252 19.02 6.18 -21.29
C VAL B 252 19.29 4.85 -21.99
N SER B 253 18.29 4.27 -22.64
CA SER B 253 18.54 3.00 -23.33
C SER B 253 19.49 3.17 -24.53
N LEU B 254 19.74 4.43 -24.93
CA LEU B 254 20.67 4.74 -26.01
C LEU B 254 22.12 4.91 -25.55
N LEU B 255 22.33 4.95 -24.24
CA LEU B 255 23.69 5.09 -23.70
C LEU B 255 24.50 3.84 -23.96
N ASN B 256 25.80 4.00 -24.16
CA ASN B 256 26.69 2.87 -24.32
C ASN B 256 27.08 2.28 -22.96
N PRO B 257 26.87 0.98 -22.78
CA PRO B 257 27.33 0.35 -21.54
C PRO B 257 28.86 0.36 -21.51
N PRO B 258 29.45 0.44 -20.31
CA PRO B 258 30.91 0.35 -20.24
C PRO B 258 31.35 -1.06 -20.62
N GLU B 259 32.50 -1.18 -21.27
CA GLU B 259 32.96 -2.48 -21.73
C GLU B 259 33.30 -3.37 -20.54
N THR B 260 33.83 -2.76 -19.48
CA THR B 260 34.20 -3.50 -18.30
C THR B 260 33.83 -2.74 -17.05
N LEU B 261 33.71 -3.44 -15.94
CA LEU B 261 33.46 -2.82 -14.65
C LEU B 261 34.79 -2.69 -13.94
N ASN B 262 34.80 -2.02 -12.79
CA ASN B 262 36.07 -1.82 -12.10
C ASN B 262 36.09 -2.45 -10.71
N LEU B 263 35.48 -3.63 -10.59
CA LEU B 263 35.39 -4.32 -9.32
C LEU B 263 36.72 -4.98 -8.98
N LYS C 8 -5.75 -1.98 -32.72
CA LYS C 8 -5.03 -0.94 -33.44
C LYS C 8 -3.72 -0.50 -32.79
N PRO C 9 -3.71 -0.24 -31.46
CA PRO C 9 -2.40 0.05 -30.87
C PRO C 9 -1.53 -1.18 -30.88
N SER C 10 -0.21 -0.98 -30.87
CA SER C 10 0.73 -2.10 -30.95
C SER C 10 0.61 -3.05 -29.75
N ALA C 11 0.15 -2.54 -28.62
CA ALA C 11 0.01 -3.36 -27.41
C ALA C 11 -1.14 -4.34 -27.54
N CYS C 12 -2.09 -4.02 -28.42
CA CYS C 12 -3.26 -4.86 -28.62
C CYS C 12 -2.87 -6.08 -29.45
N ARG C 13 -2.63 -7.21 -28.77
CA ARG C 13 -2.24 -8.42 -29.48
C ARG C 13 -2.47 -9.73 -28.72
N ASN C 14 -2.76 -10.78 -29.48
CA ASN C 14 -2.87 -12.13 -28.97
C ASN C 14 -1.49 -12.78 -29.02
N LEU C 15 -1.08 -13.42 -27.95
CA LEU C 15 0.28 -13.98 -27.87
C LEU C 15 0.40 -15.42 -28.36
N PHE C 16 -0.51 -16.28 -27.91
CA PHE C 16 -0.38 -17.71 -28.16
C PHE C 16 -1.63 -18.40 -28.74
N GLY C 17 -2.32 -17.69 -29.62
CA GLY C 17 -3.37 -18.27 -30.43
C GLY C 17 -4.76 -18.22 -29.81
N PRO C 18 -5.77 -18.69 -30.56
CA PRO C 18 -7.16 -18.69 -30.07
C PRO C 18 -7.35 -19.73 -28.98
N VAL C 19 -8.36 -19.54 -28.12
CA VAL C 19 -8.65 -20.54 -27.10
C VAL C 19 -10.06 -21.10 -27.22
N ASP C 20 -10.23 -22.32 -26.69
CA ASP C 20 -11.53 -22.96 -26.61
C ASP C 20 -12.26 -22.41 -25.39
N HIS C 21 -13.16 -21.46 -25.63
CA HIS C 21 -13.85 -20.75 -24.55
C HIS C 21 -14.66 -21.66 -23.63
N GLU C 22 -15.35 -22.63 -24.22
CA GLU C 22 -16.15 -23.57 -23.43
C GLU C 22 -15.26 -24.33 -22.46
N GLU C 23 -14.12 -24.80 -22.95
CA GLU C 23 -13.20 -25.58 -22.13
C GLU C 23 -12.54 -24.69 -21.09
N LEU C 24 -12.16 -23.48 -21.50
CA LEU C 24 -11.54 -22.52 -20.59
C LEU C 24 -12.50 -22.12 -19.47
N THR C 25 -13.73 -21.81 -19.83
CA THR C 25 -14.75 -21.47 -18.85
C THR C 25 -14.98 -22.63 -17.90
N ARG C 26 -15.01 -23.84 -18.45
CA ARG C 26 -15.15 -25.06 -17.66
C ARG C 26 -14.03 -25.20 -16.62
N ASP C 27 -12.79 -25.03 -17.07
CA ASP C 27 -11.63 -25.18 -16.18
C ASP C 27 -11.59 -24.13 -15.08
N LEU C 28 -12.12 -22.94 -15.38
CA LEU C 28 -12.13 -21.84 -14.41
C LEU C 28 -13.33 -21.96 -13.45
N GLU C 29 -14.44 -22.47 -13.95
CA GLU C 29 -15.64 -22.64 -13.13
C GLU C 29 -15.42 -23.65 -12.02
N LYS C 30 -14.50 -24.59 -12.25
CA LYS C 30 -14.08 -25.54 -11.22
C LYS C 30 -13.67 -24.81 -9.95
N HIS C 31 -12.74 -23.87 -10.11
CA HIS C 31 -12.22 -23.11 -8.98
C HIS C 31 -13.20 -22.03 -8.52
N GLU C 37 -14.95 -25.99 1.89
CA GLU C 37 -15.51 -26.81 2.97
C GLU C 37 -14.63 -26.77 4.20
N ALA C 38 -13.33 -26.58 3.99
CA ALA C 38 -12.37 -26.56 5.09
C ALA C 38 -12.57 -25.36 6.01
N SER C 39 -12.96 -24.23 5.43
CA SER C 39 -13.29 -23.04 6.22
C SER C 39 -14.64 -23.20 6.89
N GLN C 40 -15.56 -23.87 6.22
CA GLN C 40 -16.89 -24.14 6.75
C GLN C 40 -16.80 -24.98 8.02
N ARG C 41 -15.80 -25.86 8.07
CA ARG C 41 -15.57 -26.68 9.25
C ARG C 41 -14.97 -25.84 10.37
N LYS C 42 -14.11 -24.90 10.00
CA LYS C 42 -13.44 -24.04 10.97
C LYS C 42 -14.41 -23.10 11.67
N TRP C 43 -15.39 -22.58 10.93
CA TRP C 43 -16.28 -21.55 11.46
C TRP C 43 -17.73 -22.01 11.66
N ASN C 44 -18.00 -23.29 11.40
CA ASN C 44 -19.36 -23.83 11.35
C ASN C 44 -20.41 -22.88 10.74
N PHE C 45 -20.15 -22.45 9.51
CA PHE C 45 -21.00 -21.50 8.81
C PHE C 45 -20.97 -21.82 7.31
N ASP C 46 -22.15 -21.79 6.67
CA ASP C 46 -22.25 -22.08 5.24
C ASP C 46 -22.19 -20.80 4.42
N PHE C 47 -21.03 -20.54 3.82
CA PHE C 47 -20.78 -19.26 3.14
C PHE C 47 -21.49 -19.12 1.80
N GLN C 48 -21.50 -20.19 1.01
CA GLN C 48 -22.15 -20.18 -0.30
C GLN C 48 -23.63 -19.81 -0.19
N ASN C 49 -24.27 -20.30 0.86
CA ASN C 49 -25.70 -20.07 1.08
C ASN C 49 -26.02 -18.89 1.99
N HIS C 50 -25.00 -18.41 2.71
CA HIS C 50 -25.16 -17.36 3.71
C HIS C 50 -26.02 -17.87 4.88
N LYS C 51 -25.63 -19.01 5.43
CA LYS C 51 -26.37 -19.66 6.50
C LYS C 51 -25.46 -20.18 7.61
N PRO C 52 -25.82 -19.90 8.87
CA PRO C 52 -25.11 -20.44 10.03
C PRO C 52 -25.31 -21.95 10.17
N LEU C 53 -24.37 -22.61 10.81
CA LEU C 53 -24.46 -24.03 11.10
C LEU C 53 -24.29 -24.25 12.60
N GLU C 54 -24.95 -25.27 13.13
CA GLU C 54 -24.77 -25.65 14.52
C GLU C 54 -23.30 -26.00 14.75
N GLY C 55 -22.71 -25.43 15.79
CA GLY C 55 -21.29 -25.64 16.07
C GLY C 55 -20.81 -24.80 17.23
N LYS C 56 -19.50 -24.83 17.49
CA LYS C 56 -18.95 -24.14 18.65
C LYS C 56 -18.94 -22.62 18.52
N TYR C 57 -19.23 -22.13 17.32
CA TYR C 57 -19.46 -20.70 17.12
C TYR C 57 -20.96 -20.43 17.05
N GLU C 58 -21.46 -19.63 17.98
CA GLU C 58 -22.89 -19.33 18.07
C GLU C 58 -23.27 -18.08 17.29
N TRP C 59 -23.77 -18.29 16.08
CA TRP C 59 -23.99 -17.20 15.13
C TRP C 59 -25.24 -16.35 15.35
N GLN C 60 -25.18 -15.49 16.36
CA GLN C 60 -26.20 -14.47 16.55
C GLN C 60 -26.11 -13.50 15.38
N GLU C 61 -27.24 -13.18 14.77
CA GLU C 61 -27.25 -12.27 13.63
C GLU C 61 -27.29 -10.82 14.09
N VAL C 62 -27.48 -9.91 13.14
CA VAL C 62 -27.55 -8.48 13.43
C VAL C 62 -28.88 -7.89 12.96
#